data_1ZBP
#
_entry.id   1ZBP
#
_cell.length_a   97.407
_cell.length_b   97.407
_cell.length_c   104.994
_cell.angle_alpha   90.00
_cell.angle_beta   90.00
_cell.angle_gamma   120.00
#
_symmetry.space_group_name_H-M   'H 3'
#
loop_
_entity.id
_entity.type
_entity.pdbx_description
1 polymer 'hypothetical protein VPA1032'
2 water water
#
_entity_poly.entity_id   1
_entity_poly.type   'polypeptide(L)'
_entity_poly.pdbx_seq_one_letter_code
;MTQWKNALSEGQLQQALELLIEAIKASPKDASLRSSFIELLCIDGDFERADEQL(MSE)QSIKLFPEYLPGASQLRHLVK
AAQARKDFAQGAATAKVLGENEELTKSLVSFNLS(MSE)VSQDYEQVSELALQIEELRQEKGFLANDTSFSDVRDIDDRL
GGYIELFSTAGNYFLVPIASINTLEIKSATSLLESVWRPVEFDIDGLGEGEGH(MSE)P(MSE)TYVDSESDAQKLGRET
DWKQIADKEVYLGLGLKCWLVGE(MSE)ALPISDLQNLQVIKELALEHHHHHH
;
_entity_poly.pdbx_strand_id   A
#
# COMPACT_ATOMS: atom_id res chain seq x y z
N THR A 2 -11.74 -21.11 -16.52
CA THR A 2 -12.97 -20.25 -16.55
C THR A 2 -12.82 -19.18 -17.63
N GLN A 3 -13.57 -18.08 -17.49
CA GLN A 3 -13.50 -16.99 -18.47
C GLN A 3 -12.97 -15.70 -17.85
N TRP A 4 -13.37 -15.42 -16.60
CA TRP A 4 -12.92 -14.22 -15.91
C TRP A 4 -11.42 -14.31 -15.64
N LYS A 5 -10.96 -15.53 -15.32
CA LYS A 5 -9.56 -15.79 -15.02
C LYS A 5 -8.70 -15.58 -16.27
N ASN A 6 -9.36 -15.46 -17.41
CA ASN A 6 -8.70 -15.26 -18.68
C ASN A 6 -8.73 -13.76 -18.99
N ALA A 7 -9.79 -13.08 -18.55
CA ALA A 7 -9.90 -11.65 -18.77
C ALA A 7 -8.90 -10.94 -17.86
N LEU A 8 -8.57 -11.57 -16.75
CA LEU A 8 -7.61 -11.00 -15.80
C LEU A 8 -6.18 -11.13 -16.32
N SER A 9 -5.94 -12.12 -17.18
CA SER A 9 -4.62 -12.31 -17.77
C SER A 9 -4.37 -11.25 -18.83
N GLU A 10 -5.45 -10.76 -19.43
CA GLU A 10 -5.36 -9.73 -20.46
C GLU A 10 -5.37 -8.36 -19.82
N GLY A 11 -5.07 -8.31 -18.53
CA GLY A 11 -5.04 -7.05 -17.80
C GLY A 11 -6.38 -6.34 -17.80
N GLN A 12 -7.46 -7.09 -18.01
CA GLN A 12 -8.79 -6.50 -18.02
C GLN A 12 -9.48 -6.71 -16.68
N LEU A 13 -9.37 -5.71 -15.81
CA LEU A 13 -9.97 -5.77 -14.47
C LEU A 13 -11.48 -5.58 -14.51
N GLN A 14 -11.95 -4.55 -15.20
CA GLN A 14 -13.39 -4.31 -15.28
C GLN A 14 -14.12 -5.52 -15.86
N GLN A 15 -13.63 -6.04 -16.97
CA GLN A 15 -14.25 -7.20 -17.62
C GLN A 15 -14.26 -8.42 -16.69
N ALA A 16 -13.16 -8.63 -15.98
CA ALA A 16 -13.04 -9.75 -15.05
C ALA A 16 -14.12 -9.70 -13.97
N LEU A 17 -14.50 -8.49 -13.58
CA LEU A 17 -15.54 -8.30 -12.57
C LEU A 17 -16.91 -8.68 -13.11
N GLU A 18 -17.19 -8.28 -14.35
CA GLU A 18 -18.46 -8.58 -15.01
C GLU A 18 -18.66 -10.08 -15.12
N LEU A 19 -17.61 -10.78 -15.52
CA LEU A 19 -17.67 -12.23 -15.65
C LEU A 19 -17.92 -12.92 -14.30
N LEU A 20 -17.67 -12.21 -13.20
CA LEU A 20 -17.89 -12.76 -11.87
C LEU A 20 -19.28 -12.42 -11.36
N ILE A 21 -19.68 -11.17 -11.49
CA ILE A 21 -21.00 -10.74 -11.03
C ILE A 21 -22.08 -11.57 -11.69
N GLU A 22 -21.91 -11.86 -12.98
CA GLU A 22 -22.87 -12.65 -13.73
C GLU A 22 -22.71 -14.13 -13.37
N ALA A 23 -21.50 -14.53 -12.98
CA ALA A 23 -21.24 -15.92 -12.60
C ALA A 23 -21.93 -16.32 -11.31
N ILE A 24 -22.05 -15.38 -10.37
CA ILE A 24 -22.71 -15.65 -9.10
C ILE A 24 -24.22 -15.65 -9.27
N LYS A 25 -24.72 -15.00 -10.31
CA LYS A 25 -26.16 -14.95 -10.57
C LYS A 25 -26.63 -16.33 -11.04
N ALA A 26 -25.70 -17.13 -11.55
CA ALA A 26 -26.02 -18.47 -12.02
C ALA A 26 -25.62 -19.51 -10.97
N SER A 27 -25.12 -19.03 -9.84
CA SER A 27 -24.69 -19.89 -8.73
C SER A 27 -24.39 -19.01 -7.51
N PRO A 28 -25.44 -18.35 -6.96
CA PRO A 28 -25.31 -17.45 -5.80
C PRO A 28 -24.88 -18.12 -4.51
N LYS A 29 -24.90 -19.45 -4.48
CA LYS A 29 -24.52 -20.18 -3.29
C LYS A 29 -23.10 -20.73 -3.41
N ASP A 30 -22.28 -20.10 -4.25
CA ASP A 30 -20.91 -20.53 -4.44
C ASP A 30 -19.94 -19.58 -3.73
N ALA A 31 -19.19 -20.12 -2.76
CA ALA A 31 -18.24 -19.33 -1.99
C ALA A 31 -17.06 -18.84 -2.84
N SER A 32 -16.39 -19.78 -3.53
CA SER A 32 -15.24 -19.47 -4.39
C SER A 32 -15.48 -18.30 -5.34
N LEU A 33 -16.66 -18.25 -5.94
CA LEU A 33 -16.98 -17.16 -6.87
C LEU A 33 -17.10 -15.83 -6.12
N ARG A 34 -17.89 -15.82 -5.05
CA ARG A 34 -18.06 -14.59 -4.27
C ARG A 34 -16.71 -14.12 -3.73
N SER A 35 -15.92 -15.07 -3.23
CA SER A 35 -14.59 -14.80 -2.68
C SER A 35 -13.68 -14.17 -3.73
N SER A 36 -13.63 -14.77 -4.92
CA SER A 36 -12.80 -14.24 -5.99
C SER A 36 -13.29 -12.85 -6.43
N PHE A 37 -14.58 -12.62 -6.29
CA PHE A 37 -15.17 -11.33 -6.66
C PHE A 37 -14.79 -10.23 -5.65
N ILE A 38 -14.53 -10.64 -4.40
CA ILE A 38 -14.14 -9.71 -3.34
C ILE A 38 -12.69 -9.26 -3.54
N GLU A 39 -11.83 -10.20 -3.91
CA GLU A 39 -10.42 -9.89 -4.12
C GLU A 39 -10.26 -8.85 -5.21
N LEU A 40 -10.89 -9.11 -6.37
CA LEU A 40 -10.81 -8.20 -7.50
C LEU A 40 -11.52 -6.87 -7.23
N LEU A 41 -12.30 -6.83 -6.15
CA LEU A 41 -13.00 -5.60 -5.77
C LEU A 41 -12.06 -4.69 -4.98
N CYS A 42 -11.17 -5.29 -4.19
CA CYS A 42 -10.21 -4.53 -3.41
C CYS A 42 -9.16 -3.93 -4.33
N ILE A 43 -8.78 -4.68 -5.37
CA ILE A 43 -7.81 -4.20 -6.33
C ILE A 43 -8.37 -2.99 -7.09
N ASP A 44 -9.68 -3.02 -7.37
CA ASP A 44 -10.32 -1.93 -8.08
C ASP A 44 -10.46 -0.72 -7.19
N GLY A 45 -10.43 -0.95 -5.88
CA GLY A 45 -10.56 0.13 -4.93
C GLY A 45 -11.98 0.36 -4.44
N ASP A 46 -12.95 -0.36 -4.99
CA ASP A 46 -14.33 -0.20 -4.55
C ASP A 46 -14.45 -0.88 -3.19
N PHE A 47 -14.06 -0.17 -2.13
CA PHE A 47 -14.11 -0.73 -0.79
C PHE A 47 -15.53 -0.89 -0.25
N GLU A 48 -16.37 0.12 -0.46
CA GLU A 48 -17.74 0.07 0.03
C GLU A 48 -18.45 -1.21 -0.44
N ARG A 49 -18.24 -1.58 -1.71
CA ARG A 49 -18.83 -2.77 -2.30
C ARG A 49 -18.18 -4.03 -1.73
N ALA A 50 -16.84 -4.06 -1.73
CA ALA A 50 -16.09 -5.21 -1.21
C ALA A 50 -16.55 -5.56 0.20
N ASP A 51 -16.79 -4.53 1.00
CA ASP A 51 -17.23 -4.73 2.36
C ASP A 51 -18.63 -5.33 2.34
N GLU A 52 -19.49 -4.81 1.48
CA GLU A 52 -20.85 -5.32 1.33
C GLU A 52 -20.83 -6.81 1.04
N GLN A 53 -19.97 -7.24 0.13
CA GLN A 53 -19.86 -8.64 -0.21
C GLN A 53 -19.27 -9.47 0.93
N LEU A 54 -18.38 -8.86 1.71
CA LEU A 54 -17.76 -9.55 2.84
C LEU A 54 -18.79 -9.78 3.95
N GLN A 56 -22.01 -10.27 3.40
CA GLN A 56 -22.89 -11.32 2.90
C GLN A 56 -22.30 -12.71 2.99
N SER A 57 -21.04 -12.85 2.58
CA SER A 57 -20.36 -14.14 2.63
C SER A 57 -20.30 -14.69 4.06
N ILE A 58 -20.31 -13.80 5.05
CA ILE A 58 -20.26 -14.23 6.45
C ILE A 58 -21.58 -14.89 6.80
N LYS A 59 -22.67 -14.30 6.33
CA LYS A 59 -24.00 -14.83 6.59
C LYS A 59 -24.18 -16.16 5.87
N LEU A 60 -23.75 -16.19 4.62
CA LEU A 60 -23.89 -17.39 3.80
C LEU A 60 -22.93 -18.49 4.11
N PHE A 61 -21.72 -18.12 4.51
CA PHE A 61 -20.66 -19.10 4.80
C PHE A 61 -19.91 -18.75 6.08
N PRO A 62 -20.63 -18.69 7.22
CA PRO A 62 -20.03 -18.36 8.52
C PRO A 62 -18.84 -19.22 8.90
N GLU A 63 -18.63 -20.32 8.16
CA GLU A 63 -17.51 -21.19 8.44
C GLU A 63 -16.18 -20.54 8.01
N TYR A 64 -16.29 -19.54 7.14
CA TYR A 64 -15.11 -18.82 6.66
C TYR A 64 -15.10 -17.40 7.24
N LEU A 65 -15.49 -17.28 8.51
CA LEU A 65 -15.51 -15.96 9.16
C LEU A 65 -14.09 -15.42 9.33
N PRO A 66 -13.15 -16.27 9.78
CA PRO A 66 -11.77 -15.79 9.96
C PRO A 66 -11.22 -15.06 8.74
N GLY A 67 -11.26 -15.70 7.58
CA GLY A 67 -10.75 -15.06 6.40
C GLY A 67 -11.55 -13.85 5.96
N ALA A 68 -12.88 -13.94 6.07
CA ALA A 68 -13.75 -12.84 5.68
C ALA A 68 -13.53 -11.62 6.57
N SER A 69 -13.39 -11.89 7.86
CA SER A 69 -13.15 -10.86 8.87
C SER A 69 -11.82 -10.16 8.59
N GLN A 70 -10.77 -10.96 8.39
CA GLN A 70 -9.46 -10.42 8.10
C GLN A 70 -9.51 -9.45 6.91
N LEU A 71 -10.22 -9.83 5.85
CA LEU A 71 -10.37 -8.96 4.67
C LEU A 71 -11.11 -7.68 5.04
N ARG A 72 -12.05 -7.78 5.99
CA ARG A 72 -12.79 -6.60 6.41
C ARG A 72 -11.81 -5.60 7.00
N HIS A 73 -10.90 -6.09 7.83
CA HIS A 73 -9.88 -5.25 8.45
C HIS A 73 -8.97 -4.62 7.39
N LEU A 74 -8.57 -5.39 6.40
CA LEU A 74 -7.71 -4.86 5.34
C LEU A 74 -8.45 -3.79 4.56
N VAL A 75 -9.74 -4.04 4.27
CA VAL A 75 -10.54 -3.07 3.54
C VAL A 75 -10.70 -1.79 4.33
N LYS A 76 -10.78 -1.91 5.65
CA LYS A 76 -10.91 -0.77 6.53
C LYS A 76 -9.61 0.05 6.48
N ALA A 77 -8.48 -0.62 6.69
CA ALA A 77 -7.18 0.06 6.64
C ALA A 77 -7.01 0.76 5.28
N ALA A 78 -7.34 0.07 4.20
CA ALA A 78 -7.22 0.61 2.86
C ALA A 78 -8.17 1.79 2.66
N GLN A 79 -9.25 1.80 3.44
CA GLN A 79 -10.18 2.90 3.31
C GLN A 79 -9.58 4.10 4.03
N ALA A 80 -9.00 3.87 5.19
CA ALA A 80 -8.40 4.96 5.94
C ALA A 80 -7.26 5.61 5.13
N ARG A 81 -6.57 4.81 4.33
CA ARG A 81 -5.48 5.30 3.49
C ARG A 81 -6.03 6.13 2.34
N LYS A 82 -7.08 5.67 1.71
CA LYS A 82 -7.66 6.42 0.61
C LYS A 82 -8.15 7.75 1.18
N ASP A 83 -8.59 7.74 2.43
CA ASP A 83 -9.07 8.97 3.04
C ASP A 83 -7.91 9.84 3.49
N PHE A 84 -6.85 9.22 4.00
CA PHE A 84 -5.70 9.99 4.43
C PHE A 84 -5.15 10.87 3.30
N ALA A 85 -5.44 10.48 2.07
CA ALA A 85 -4.98 11.25 0.91
C ALA A 85 -5.57 12.68 0.95
N GLN A 86 -6.23 13.00 2.05
CA GLN A 86 -6.84 14.32 2.29
C GLN A 86 -6.96 14.62 3.79
N GLY A 87 -7.77 13.83 4.51
CA GLY A 87 -7.94 14.04 5.94
C GLY A 87 -7.16 13.09 6.85
N ALA A 88 -7.08 13.42 8.13
CA ALA A 88 -6.34 12.59 9.09
C ALA A 88 -7.10 11.31 9.44
N ALA A 89 -6.48 10.16 9.14
CA ALA A 89 -7.07 8.86 9.40
C ALA A 89 -5.98 7.80 9.44
N THR A 90 -4.76 8.22 9.76
CA THR A 90 -3.62 7.31 9.80
C THR A 90 -2.84 7.38 11.12
N ALA A 91 -2.25 6.26 11.51
CA ALA A 91 -1.47 6.19 12.74
C ALA A 91 -0.01 6.07 12.35
N LYS A 92 0.65 7.21 12.15
CA LYS A 92 2.05 7.18 11.80
C LYS A 92 3.00 7.18 12.97
N VAL A 93 3.88 6.19 12.99
CA VAL A 93 4.87 6.00 14.04
C VAL A 93 6.14 6.71 13.63
N LEU A 94 6.01 7.93 13.14
CA LEU A 94 7.18 8.69 12.71
C LEU A 94 8.11 8.93 13.91
N GLY A 95 7.52 9.19 15.07
CA GLY A 95 8.33 9.41 16.24
C GLY A 95 7.81 10.53 17.10
N GLU A 96 8.73 11.27 17.72
CA GLU A 96 8.36 12.36 18.59
C GLU A 96 8.07 13.65 17.81
N ASN A 97 8.55 13.71 16.57
CA ASN A 97 8.34 14.89 15.75
C ASN A 97 6.88 15.01 15.32
N GLU A 98 6.00 15.25 16.29
CA GLU A 98 4.57 15.39 16.02
C GLU A 98 4.30 16.58 15.12
N GLU A 99 5.36 17.30 14.77
CA GLU A 99 5.22 18.46 13.90
C GLU A 99 5.26 17.96 12.46
N LEU A 100 6.03 16.90 12.23
CA LEU A 100 6.15 16.29 10.92
C LEU A 100 4.81 15.67 10.51
N THR A 101 4.10 15.12 11.48
CA THR A 101 2.81 14.52 11.23
C THR A 101 1.88 15.58 10.66
N LYS A 102 2.01 16.80 11.15
CA LYS A 102 1.20 17.91 10.66
C LYS A 102 1.58 18.17 9.21
N SER A 103 2.87 18.24 8.94
CA SER A 103 3.34 18.48 7.58
C SER A 103 2.79 17.44 6.59
N LEU A 104 2.79 16.16 6.97
CA LEU A 104 2.29 15.10 6.09
C LEU A 104 0.79 15.25 5.75
N VAL A 105 -0.02 15.57 6.75
CA VAL A 105 -1.44 15.76 6.53
C VAL A 105 -1.70 17.05 5.73
N SER A 106 -0.97 18.11 6.04
CA SER A 106 -1.13 19.40 5.33
C SER A 106 -0.71 19.26 3.87
N PHE A 107 0.19 18.31 3.59
CA PHE A 107 0.66 18.04 2.22
C PHE A 107 -0.53 17.58 1.39
N ASN A 108 -1.31 16.64 1.93
CA ASN A 108 -2.50 16.16 1.21
C ASN A 108 -3.59 17.20 1.18
N LEU A 109 -3.75 17.93 2.29
CA LEU A 109 -4.77 18.98 2.37
C LEU A 109 -4.53 20.04 1.30
N SER A 110 -3.26 20.25 0.96
CA SER A 110 -2.89 21.21 -0.07
C SER A 110 -3.02 20.59 -1.46
N VAL A 112 -5.28 18.63 -2.42
CA VAL A 112 -6.69 18.74 -2.77
C VAL A 112 -7.11 20.21 -2.93
N SER A 113 -6.56 21.11 -2.11
CA SER A 113 -6.90 22.53 -2.21
C SER A 113 -6.20 23.15 -3.39
N GLN A 114 -5.41 22.34 -4.09
CA GLN A 114 -4.65 22.76 -5.26
C GLN A 114 -3.60 23.85 -4.99
N ASP A 115 -3.24 24.06 -3.73
CA ASP A 115 -2.22 25.06 -3.42
C ASP A 115 -0.88 24.39 -3.61
N TYR A 116 -0.49 24.20 -4.87
CA TYR A 116 0.76 23.56 -5.23
C TYR A 116 1.99 24.34 -4.81
N GLU A 117 1.79 25.47 -4.15
CA GLU A 117 2.91 26.27 -3.71
C GLU A 117 3.32 25.79 -2.32
N GLN A 118 2.33 25.30 -1.57
CA GLN A 118 2.58 24.80 -0.22
C GLN A 118 3.04 23.33 -0.31
N VAL A 119 2.57 22.61 -1.33
CA VAL A 119 2.97 21.22 -1.50
C VAL A 119 4.45 21.18 -1.86
N SER A 120 4.89 22.15 -2.66
CA SER A 120 6.28 22.26 -3.10
C SER A 120 7.15 22.60 -1.89
N GLU A 121 6.61 23.39 -0.97
CA GLU A 121 7.34 23.78 0.23
C GLU A 121 7.35 22.68 1.27
N LEU A 122 6.20 22.01 1.42
CA LEU A 122 6.07 20.93 2.40
C LEU A 122 6.91 19.72 2.00
N ALA A 123 6.93 19.43 0.70
CA ALA A 123 7.70 18.30 0.21
C ALA A 123 9.17 18.48 0.58
N LEU A 124 9.73 19.65 0.28
CA LEU A 124 11.13 19.93 0.58
C LEU A 124 11.44 19.88 2.06
N GLN A 125 10.53 20.39 2.89
CA GLN A 125 10.71 20.39 4.35
C GLN A 125 10.75 18.96 4.90
N ILE A 126 9.81 18.13 4.45
CA ILE A 126 9.72 16.73 4.87
C ILE A 126 11.01 16.00 4.48
N GLU A 127 11.45 16.19 3.24
CA GLU A 127 12.68 15.57 2.74
C GLU A 127 13.91 16.05 3.48
N GLU A 128 13.87 17.29 3.94
CA GLU A 128 14.97 17.89 4.69
C GLU A 128 15.08 17.22 6.05
N LEU A 129 13.93 16.88 6.63
CA LEU A 129 13.89 16.23 7.93
C LEU A 129 14.11 14.71 7.83
N ARG A 130 13.97 14.15 6.64
CA ARG A 130 14.14 12.71 6.44
C ARG A 130 15.51 12.25 6.91
N GLN A 131 15.52 11.35 7.88
CA GLN A 131 16.77 10.81 8.38
C GLN A 131 17.24 9.77 7.38
N GLU A 132 18.37 10.05 6.73
CA GLU A 132 18.92 9.11 5.76
C GLU A 132 19.39 7.88 6.54
N LYS A 133 19.10 6.69 6.01
CA LYS A 133 19.47 5.44 6.67
C LYS A 133 19.90 4.44 5.62
N GLY A 134 21.05 3.81 5.85
CA GLY A 134 21.57 2.81 4.92
C GLY A 134 20.97 1.44 5.16
N PHE A 135 20.72 0.71 4.09
CA PHE A 135 20.12 -0.61 4.20
C PHE A 135 20.82 -1.67 3.36
N LEU A 136 20.56 -2.90 3.74
CA LEU A 136 21.06 -4.05 3.02
C LEU A 136 19.82 -4.55 2.30
N ALA A 137 19.81 -4.45 0.98
CA ALA A 137 18.65 -4.88 0.20
C ALA A 137 18.98 -6.09 -0.66
N ASN A 138 18.39 -7.22 -0.30
CA ASN A 138 18.65 -8.48 -1.00
C ASN A 138 20.14 -8.79 -0.81
N ASP A 139 20.62 -8.62 0.42
CA ASP A 139 22.02 -8.90 0.76
C ASP A 139 23.02 -7.92 0.11
N THR A 140 22.55 -6.86 -0.52
CA THR A 140 23.45 -5.88 -1.14
C THR A 140 23.42 -4.58 -0.36
N SER A 141 24.59 -3.97 -0.12
CA SER A 141 24.64 -2.75 0.66
C SER A 141 24.34 -1.47 -0.15
N PHE A 142 23.55 -0.59 0.46
CA PHE A 142 23.15 0.70 -0.15
C PHE A 142 23.20 1.75 0.97
N SER A 143 23.76 2.92 0.69
CA SER A 143 23.88 3.97 1.71
C SER A 143 22.60 4.72 2.03
N ASP A 144 21.55 4.48 1.25
CA ASP A 144 20.28 5.16 1.48
C ASP A 144 19.12 4.54 0.70
N VAL A 145 17.93 4.66 1.26
CA VAL A 145 16.71 4.10 0.69
C VAL A 145 15.51 5.03 0.89
N ARG A 146 14.73 5.21 -0.18
CA ARG A 146 13.56 6.06 -0.09
C ARG A 146 12.62 5.77 -1.24
N ASP A 147 11.31 6.00 -1.05
CA ASP A 147 10.35 5.77 -2.13
C ASP A 147 10.50 6.92 -3.13
N ILE A 148 10.43 6.63 -4.44
CA ILE A 148 10.57 7.67 -5.45
C ILE A 148 9.44 8.70 -5.34
N ASP A 149 8.24 8.21 -5.08
CA ASP A 149 7.03 9.01 -4.86
C ASP A 149 7.34 10.13 -3.87
N ASP A 150 6.85 11.34 -4.11
CA ASP A 150 7.11 12.46 -3.20
C ASP A 150 6.16 12.56 -2.02
N ARG A 151 5.06 11.83 -2.09
CA ARG A 151 4.08 11.82 -1.00
C ARG A 151 4.60 10.87 0.10
N LEU A 152 5.01 9.67 -0.30
CA LEU A 152 5.52 8.68 0.65
C LEU A 152 6.92 9.00 1.17
N GLY A 153 7.79 9.49 0.29
CA GLY A 153 9.15 9.83 0.65
C GLY A 153 9.93 8.79 1.43
N GLY A 154 10.25 9.08 2.68
CA GLY A 154 10.99 8.11 3.46
C GLY A 154 10.07 7.26 4.32
N TYR A 155 8.86 7.00 3.83
CA TYR A 155 7.89 6.21 4.58
C TYR A 155 7.40 4.96 3.84
N ILE A 156 7.02 3.94 4.59
CA ILE A 156 6.45 2.75 3.99
C ILE A 156 5.05 2.72 4.58
N GLU A 157 4.17 1.97 3.92
CA GLU A 157 2.78 1.86 4.37
C GLU A 157 2.49 0.43 4.88
N LEU A 158 1.64 0.34 5.88
CA LEU A 158 1.30 -0.96 6.42
C LEU A 158 -0.16 -0.97 6.78
N PHE A 159 -0.79 -2.12 6.60
CA PHE A 159 -2.18 -2.30 6.98
C PHE A 159 -2.07 -3.30 8.13
N SER A 160 -2.33 -2.87 9.36
CA SER A 160 -2.24 -3.76 10.52
C SER A 160 -3.41 -4.72 10.58
N THR A 161 -3.22 -5.80 11.34
CA THR A 161 -4.25 -6.82 11.51
C THR A 161 -5.54 -6.21 12.06
N ALA A 162 -5.42 -5.36 13.07
CA ALA A 162 -6.62 -4.73 13.63
C ALA A 162 -7.38 -3.93 12.59
N GLY A 163 -6.72 -3.56 11.50
CA GLY A 163 -7.39 -2.80 10.46
C GLY A 163 -7.03 -1.33 10.48
N ASN A 164 -5.84 -1.02 10.98
CA ASN A 164 -5.33 0.34 11.02
C ASN A 164 -4.27 0.58 9.94
N TYR A 165 -4.31 1.76 9.34
CA TYR A 165 -3.38 2.19 8.31
C TYR A 165 -2.18 2.88 8.97
N PHE A 166 -0.99 2.31 8.79
CA PHE A 166 0.24 2.87 9.38
C PHE A 166 1.21 3.47 8.37
N LEU A 167 1.86 4.56 8.76
CA LEU A 167 2.87 5.24 7.97
C LEU A 167 4.11 5.15 8.84
N VAL A 168 5.07 4.35 8.40
CA VAL A 168 6.28 4.12 9.17
C VAL A 168 7.54 4.54 8.45
N PRO A 169 8.34 5.40 9.10
CA PRO A 169 9.60 5.92 8.57
C PRO A 169 10.49 4.76 8.18
N ILE A 170 11.01 4.78 6.96
CA ILE A 170 11.90 3.72 6.49
C ILE A 170 13.07 3.65 7.49
N ALA A 171 13.46 4.81 8.01
CA ALA A 171 14.56 4.91 8.98
C ALA A 171 14.29 4.15 10.29
N SER A 172 13.01 3.91 10.57
CA SER A 172 12.61 3.18 11.77
C SER A 172 12.62 1.67 11.56
N ILE A 173 12.92 1.23 10.34
CA ILE A 173 12.93 -0.20 10.04
C ILE A 173 14.26 -0.87 10.37
N ASN A 174 14.18 -2.01 11.06
CA ASN A 174 15.35 -2.81 11.41
C ASN A 174 15.40 -3.99 10.43
N THR A 175 14.31 -4.75 10.33
CA THR A 175 14.28 -5.86 9.36
C THR A 175 12.94 -5.76 8.63
N LEU A 176 12.92 -6.21 7.37
CA LEU A 176 11.66 -6.17 6.60
C LEU A 176 11.71 -7.32 5.62
N GLU A 177 10.61 -8.05 5.51
CA GLU A 177 10.55 -9.16 4.58
C GLU A 177 9.25 -9.12 3.80
N ILE A 178 9.37 -9.10 2.48
CA ILE A 178 8.19 -9.07 1.63
C ILE A 178 8.00 -10.46 1.08
N LYS A 179 6.87 -11.07 1.42
CA LYS A 179 6.56 -12.42 0.99
C LYS A 179 6.04 -12.46 -0.43
N SER A 180 5.98 -13.66 -1.00
CA SER A 180 5.48 -13.81 -2.35
C SER A 180 3.97 -13.94 -2.22
N ALA A 181 3.25 -13.44 -3.21
CA ALA A 181 1.79 -13.48 -3.21
C ALA A 181 1.31 -14.89 -3.41
N THR A 182 0.34 -15.29 -2.61
CA THR A 182 -0.21 -16.63 -2.71
C THR A 182 -1.68 -16.54 -2.99
N SER A 183 -2.09 -15.42 -3.56
CA SER A 183 -3.48 -15.18 -3.88
C SER A 183 -3.54 -13.96 -4.77
N LEU A 184 -4.65 -13.78 -5.48
CA LEU A 184 -4.84 -12.65 -6.39
C LEU A 184 -4.63 -11.29 -5.68
N LEU A 185 -5.46 -11.02 -4.67
CA LEU A 185 -5.37 -9.76 -3.94
C LEU A 185 -3.99 -9.53 -3.32
N GLU A 186 -3.40 -10.58 -2.77
CA GLU A 186 -2.08 -10.45 -2.17
C GLU A 186 -1.02 -9.91 -3.13
N SER A 187 -1.33 -9.90 -4.42
CA SER A 187 -0.38 -9.39 -5.40
C SER A 187 -0.15 -7.88 -5.18
N VAL A 188 -1.20 -7.16 -4.77
CA VAL A 188 -1.08 -5.72 -4.49
C VAL A 188 -1.12 -5.37 -2.98
N TRP A 189 -1.61 -6.29 -2.14
CA TRP A 189 -1.62 -6.11 -0.68
C TRP A 189 -0.82 -7.31 -0.17
N ARG A 190 0.50 -7.13 -0.15
CA ARG A 190 1.43 -8.21 0.22
C ARG A 190 1.71 -8.41 1.70
N PRO A 191 1.69 -9.67 2.15
CA PRO A 191 1.96 -9.98 3.55
C PRO A 191 3.43 -9.67 3.80
N VAL A 192 3.71 -9.04 4.93
CA VAL A 192 5.10 -8.73 5.26
C VAL A 192 5.39 -8.99 6.73
N GLU A 193 6.62 -9.39 7.00
CA GLU A 193 7.11 -9.66 8.35
C GLU A 193 8.11 -8.57 8.60
N PHE A 194 7.99 -7.85 9.71
CA PHE A 194 8.91 -6.77 10.00
C PHE A 194 9.39 -6.73 11.46
N ASP A 195 10.15 -5.69 11.77
CA ASP A 195 10.71 -5.42 13.09
C ASP A 195 11.11 -3.96 13.00
N ILE A 196 10.20 -3.08 13.38
CA ILE A 196 10.48 -1.65 13.32
C ILE A 196 10.42 -1.05 14.73
N ASP A 197 11.18 0.02 14.93
CA ASP A 197 11.21 0.72 16.19
C ASP A 197 9.81 1.27 16.48
N GLY A 198 9.30 1.01 17.68
CA GLY A 198 7.98 1.50 18.03
C GLY A 198 6.87 0.48 17.88
N LEU A 199 7.20 -0.68 17.32
CA LEU A 199 6.22 -1.76 17.11
C LEU A 199 6.83 -3.12 17.40
N GLY A 200 8.16 -3.18 17.46
CA GLY A 200 8.84 -4.45 17.72
C GLY A 200 8.61 -5.41 16.57
N GLU A 201 8.68 -6.71 16.84
CA GLU A 201 8.47 -7.70 15.78
C GLU A 201 6.97 -7.87 15.53
N GLY A 202 6.59 -7.82 14.26
CA GLY A 202 5.19 -7.97 13.92
C GLY A 202 4.95 -8.35 12.48
N GLU A 203 3.69 -8.25 12.07
CA GLU A 203 3.32 -8.57 10.70
C GLU A 203 2.07 -7.83 10.24
N GLY A 204 1.96 -7.66 8.93
CA GLY A 204 0.81 -6.99 8.36
C GLY A 204 0.87 -7.10 6.86
N HIS A 205 0.23 -6.14 6.18
CA HIS A 205 0.21 -6.10 4.73
C HIS A 205 0.65 -4.73 4.29
N PRO A 207 0.55 -2.12 1.00
CA PRO A 207 -0.04 -1.94 -0.32
C PRO A 207 1.14 -1.84 -1.30
N THR A 209 0.95 -1.00 -4.46
CA THR A 209 0.69 -0.01 -5.50
C THR A 209 0.43 1.37 -4.90
N TYR A 210 0.65 2.44 -5.66
CA TYR A 210 0.40 3.78 -5.13
C TYR A 210 -1.08 4.04 -4.93
N VAL A 211 -1.40 4.98 -4.03
CA VAL A 211 -2.78 5.30 -3.72
C VAL A 211 -3.54 5.98 -4.87
N ASP A 212 -2.83 6.71 -5.71
CA ASP A 212 -3.47 7.39 -6.85
C ASP A 212 -3.66 6.51 -8.09
N SER A 213 -3.12 5.30 -8.10
CA SER A 213 -3.26 4.45 -9.28
C SER A 213 -4.71 4.42 -9.77
N GLU A 214 -4.89 4.69 -11.07
CA GLU A 214 -6.21 4.76 -11.71
C GLU A 214 -6.55 3.70 -12.79
N SER A 215 -5.65 3.48 -13.74
CA SER A 215 -5.91 2.51 -14.79
C SER A 215 -5.96 1.12 -14.20
N ASP A 216 -6.44 0.17 -14.99
CA ASP A 216 -6.52 -1.21 -14.51
C ASP A 216 -5.13 -1.83 -14.44
N ALA A 217 -4.19 -1.32 -15.24
CA ALA A 217 -2.83 -1.83 -15.22
C ALA A 217 -2.12 -1.33 -13.97
N GLN A 218 -2.46 -0.12 -13.52
CA GLN A 218 -1.87 0.45 -12.32
C GLN A 218 -2.40 -0.26 -11.06
N LYS A 219 -3.70 -0.49 -11.02
CA LYS A 219 -4.31 -1.17 -9.90
C LYS A 219 -3.77 -2.58 -9.78
N LEU A 220 -3.59 -3.26 -10.92
CA LEU A 220 -3.07 -4.62 -10.92
C LEU A 220 -1.57 -4.64 -10.62
N GLY A 221 -0.95 -3.46 -10.64
CA GLY A 221 0.47 -3.37 -10.38
C GLY A 221 1.30 -3.86 -11.55
N ARG A 222 0.78 -3.70 -12.77
CA ARG A 222 1.48 -4.17 -13.95
C ARG A 222 2.19 -3.06 -14.73
N GLU A 223 2.35 -1.91 -14.09
CA GLU A 223 3.07 -0.82 -14.71
C GLU A 223 3.18 0.33 -13.71
N THR A 224 4.17 1.19 -13.94
CA THR A 224 4.42 2.32 -13.07
C THR A 224 4.48 3.60 -13.92
N ASP A 225 3.63 4.58 -13.60
CA ASP A 225 3.59 5.85 -14.33
C ASP A 225 3.93 6.97 -13.34
N TRP A 226 4.31 8.14 -13.85
CA TRP A 226 4.64 9.26 -12.97
C TRP A 226 4.01 10.57 -13.46
N LYS A 227 3.16 11.15 -12.64
CA LYS A 227 2.53 12.41 -13.02
C LYS A 227 3.12 13.53 -12.17
N GLN A 228 3.53 14.61 -12.84
CA GLN A 228 4.09 15.76 -12.15
C GLN A 228 2.93 16.65 -11.72
N ILE A 229 3.01 17.19 -10.50
CA ILE A 229 1.97 18.05 -9.96
C ILE A 229 1.67 19.21 -10.90
N ALA A 230 2.39 20.32 -10.71
CA ALA A 230 2.20 21.49 -11.55
C ALA A 230 3.50 21.68 -12.32
N ASP A 231 4.31 22.61 -11.82
CA ASP A 231 5.59 22.92 -12.41
C ASP A 231 6.70 22.72 -11.39
N LYS A 232 6.33 22.17 -10.23
CA LYS A 232 7.30 21.92 -9.17
C LYS A 232 8.03 20.60 -9.40
N GLU A 233 8.86 20.22 -8.43
CA GLU A 233 9.59 18.96 -8.49
C GLU A 233 8.88 17.88 -7.66
N VAL A 234 7.57 17.98 -7.57
CA VAL A 234 6.77 17.02 -6.82
C VAL A 234 6.15 16.01 -7.80
N TYR A 235 6.59 14.77 -7.73
CA TYR A 235 6.09 13.71 -8.61
C TYR A 235 5.37 12.61 -7.82
N LEU A 236 4.10 12.37 -8.13
CA LEU A 236 3.35 11.33 -7.45
C LEU A 236 3.46 10.06 -8.27
N GLY A 237 3.02 8.93 -7.74
CA GLY A 237 3.14 7.70 -8.49
C GLY A 237 1.82 7.08 -8.86
N LEU A 238 1.89 6.11 -9.78
CA LEU A 238 0.70 5.40 -10.23
C LEU A 238 1.15 3.98 -10.57
N GLY A 239 0.49 3.00 -9.96
CA GLY A 239 0.85 1.63 -10.21
C GLY A 239 1.90 1.11 -9.24
N LEU A 240 2.65 0.10 -9.67
CA LEU A 240 3.70 -0.56 -8.86
C LEU A 240 4.73 0.41 -8.26
N LYS A 241 5.00 0.31 -6.97
CA LYS A 241 5.97 1.21 -6.35
C LYS A 241 7.38 0.90 -6.87
N CYS A 242 8.22 1.95 -6.91
CA CYS A 242 9.59 1.83 -7.40
C CYS A 242 10.31 2.65 -6.31
N TRP A 243 11.40 2.11 -5.76
CA TRP A 243 12.17 2.77 -4.70
C TRP A 243 13.56 3.14 -5.18
N LEU A 244 14.10 4.21 -4.60
CA LEU A 244 15.43 4.67 -4.92
C LEU A 244 16.34 4.03 -3.87
N VAL A 245 17.16 3.06 -4.27
CA VAL A 245 18.08 2.41 -3.33
C VAL A 245 19.49 2.76 -3.75
N GLY A 246 20.13 3.62 -2.97
CA GLY A 246 21.47 4.03 -3.35
C GLY A 246 21.41 4.97 -4.54
N GLU A 247 21.80 4.47 -5.70
CA GLU A 247 21.83 5.26 -6.93
C GLU A 247 20.94 4.73 -8.04
N ALA A 249 17.06 2.61 -9.29
CA ALA A 249 15.61 2.56 -9.06
C ALA A 249 15.27 1.06 -8.97
N LEU A 250 14.45 0.69 -8.00
CA LEU A 250 14.09 -0.72 -7.83
C LEU A 250 12.60 -0.87 -7.60
N PRO A 251 11.93 -1.70 -8.42
CA PRO A 251 10.49 -1.90 -8.21
C PRO A 251 10.29 -2.68 -6.91
N ILE A 252 9.26 -2.32 -6.15
CA ILE A 252 9.02 -2.98 -4.88
C ILE A 252 8.89 -4.49 -5.05
N SER A 253 8.37 -4.94 -6.19
CA SER A 253 8.21 -6.37 -6.43
C SER A 253 9.55 -7.12 -6.48
N ASP A 254 10.65 -6.41 -6.65
CA ASP A 254 11.95 -7.08 -6.69
C ASP A 254 12.66 -6.96 -5.37
N LEU A 255 11.95 -6.49 -4.36
CA LEU A 255 12.54 -6.37 -3.03
C LEU A 255 12.01 -7.51 -2.15
N GLN A 256 12.92 -8.33 -1.62
CA GLN A 256 12.53 -9.44 -0.75
C GLN A 256 12.75 -9.10 0.73
N ASN A 257 13.92 -8.56 1.07
CA ASN A 257 14.20 -8.22 2.46
C ASN A 257 15.04 -6.96 2.64
N LEU A 258 14.85 -6.30 3.77
CA LEU A 258 15.62 -5.13 4.12
C LEU A 258 16.26 -5.41 5.47
N GLN A 259 17.55 -5.10 5.59
CA GLN A 259 18.31 -5.28 6.82
C GLN A 259 19.04 -3.97 7.09
N VAL A 260 18.61 -3.23 8.11
CA VAL A 260 19.20 -1.93 8.46
C VAL A 260 20.69 -2.01 8.83
N ILE A 261 21.44 -1.00 8.43
CA ILE A 261 22.85 -0.96 8.74
C ILE A 261 22.98 -0.36 10.14
N LYS A 262 23.33 -1.18 11.12
CA LYS A 262 23.43 -0.71 12.50
C LYS A 262 24.75 -0.01 12.75
N GLU A 263 24.84 0.69 13.87
CA GLU A 263 26.08 1.37 14.27
C GLU A 263 26.43 0.79 15.63
N LEU A 264 27.18 -0.32 15.61
CA LEU A 264 27.59 -1.02 16.82
C LEU A 264 27.96 -0.07 17.93
N ALA A 265 27.04 0.08 18.88
CA ALA A 265 27.17 0.93 20.05
C ALA A 265 25.74 1.29 20.39
N LEU A 266 24.85 1.15 19.41
CA LEU A 266 23.43 1.44 19.59
C LEU A 266 22.64 0.15 19.80
N GLU A 267 23.16 -0.95 19.27
CA GLU A 267 22.50 -2.24 19.41
C GLU A 267 23.50 -3.32 19.01
#